data_5WYB
#
_entry.id   5WYB
#
_cell.length_a   125.262
_cell.length_b   125.262
_cell.length_c   72.651
_cell.angle_alpha   90.00
_cell.angle_beta   90.00
_cell.angle_gamma   120.00
#
_symmetry.space_group_name_H-M   'P 63 2 2'
#
loop_
_entity.id
_entity.type
_entity.pdbx_description
1 polymer 'Probable enoyl-CoA hydratase/isomerase'
2 non-polymer (4R)-2-METHYLPENTANE-2,4-DIOL
3 non-polymer 'ACETATE ION'
4 water water
#
_entity_poly.entity_id   1
_entity_poly.type   'polypeptide(L)'
_entity_poly.pdbx_seq_one_letter_code
;MNTAVEPYKASSFDDTHKLTVEKHGHTALITINHPPANTWDRDSLIGLRQLIEHLNRDDDIYALVVTGQGPKFFSAGADL
NMFADGDKARAREMARRFGEAFEALRDFRGVSIAAINGYAMGGGLECALACDIRIAERQAQMALPEAAVGLLPCAGGTQA
LPWLVGEGWAKRMILCNERVDAETALRIGLVEQVVDSGEARGAALLLAAKVARQSPVAIRTIKPLIQGARERAPNTWLPE
ERERFVDLFDAQDTREGVNAFLEKRDPKWRNCLEHHHHHH
;
_entity_poly.pdbx_strand_id   B
#
loop_
_chem_comp.id
_chem_comp.type
_chem_comp.name
_chem_comp.formula
ACT non-polymer 'ACETATE ION' 'C2 H3 O2 -1'
MRD non-polymer (4R)-2-METHYLPENTANE-2,4-DIOL 'C6 H14 O2'
#
# COMPACT_ATOMS: atom_id res chain seq x y z
N LYS A 9 4.55 -4.09 -17.73
CA LYS A 9 5.25 -5.07 -16.90
C LYS A 9 4.22 -6.07 -16.44
N ALA A 10 4.68 -7.16 -15.81
CA ALA A 10 3.84 -8.33 -15.60
C ALA A 10 3.19 -8.75 -16.92
N SER A 11 4.00 -8.81 -17.98
CA SER A 11 3.47 -8.86 -19.34
C SER A 11 2.61 -10.09 -19.56
N SER A 12 2.95 -11.21 -18.92
CA SER A 12 2.21 -12.44 -19.16
C SER A 12 2.21 -13.33 -17.94
N PHE A 13 1.00 -13.58 -17.43
CA PHE A 13 0.62 -14.69 -16.56
C PHE A 13 -0.88 -14.50 -16.36
N ASP A 14 -1.54 -15.33 -15.53
CA ASP A 14 -2.98 -15.15 -15.30
C ASP A 14 -3.18 -13.99 -14.33
N ASP A 15 -3.21 -12.78 -14.87
CA ASP A 15 -3.45 -11.60 -14.06
C ASP A 15 -4.87 -11.11 -14.26
N THR A 16 -5.62 -10.99 -13.18
CA THR A 16 -7.02 -10.61 -13.29
C THR A 16 -7.23 -9.22 -13.87
N HIS A 17 -8.19 -9.09 -14.76
CA HIS A 17 -8.53 -7.83 -15.41
C HIS A 17 -9.02 -6.79 -14.41
N LYS A 18 -9.26 -7.20 -13.17
CA LYS A 18 -9.54 -6.27 -12.09
C LYS A 18 -8.30 -5.51 -11.64
N LEU A 19 -7.11 -5.92 -12.07
CA LEU A 19 -5.87 -5.24 -11.75
C LEU A 19 -5.13 -5.01 -13.06
N THR A 20 -5.10 -3.77 -13.53
CA THR A 20 -4.42 -3.43 -14.76
C THR A 20 -3.02 -2.97 -14.44
N VAL A 21 -2.04 -3.44 -15.21
CA VAL A 21 -0.64 -3.07 -15.01
C VAL A 21 -0.09 -2.49 -16.30
N GLU A 22 0.55 -1.33 -16.19
CA GLU A 22 1.18 -0.65 -17.31
C GLU A 22 2.60 -0.28 -16.92
N LYS A 23 3.52 -0.38 -17.88
CA LYS A 23 4.92 -0.08 -17.65
C LYS A 23 5.22 1.34 -18.12
N HIS A 24 5.70 2.17 -17.21
CA HIS A 24 6.14 3.53 -17.52
C HIS A 24 7.57 3.68 -17.04
N GLY A 25 8.52 3.40 -17.92
CA GLY A 25 9.92 3.47 -17.53
C GLY A 25 10.28 2.31 -16.62
N HIS A 26 10.96 2.64 -15.52
CA HIS A 26 11.31 1.66 -14.51
C HIS A 26 10.25 1.53 -13.43
N THR A 27 9.02 1.93 -13.74
CA THR A 27 7.92 2.03 -12.79
C THR A 27 6.75 1.19 -13.26
N ALA A 28 6.14 0.44 -12.34
CA ALA A 28 4.95 -0.34 -12.63
C ALA A 28 3.73 0.36 -12.04
N LEU A 29 2.79 0.74 -12.91
CA LEU A 29 1.57 1.43 -12.50
C LEU A 29 0.47 0.40 -12.35
N ILE A 30 0.04 0.17 -11.12
CA ILE A 30 -1.03 -0.77 -10.83
C ILE A 30 -2.30 0.02 -10.60
N THR A 31 -3.39 -0.36 -11.27
CA THR A 31 -4.66 0.32 -11.13
C THR A 31 -5.73 -0.68 -10.75
N ILE A 32 -6.33 -0.47 -9.57
CA ILE A 32 -7.48 -1.26 -9.12
C ILE A 32 -8.67 -0.94 -10.01
N ASN A 33 -9.12 -1.90 -10.77
CA ASN A 33 -10.20 -1.70 -11.69
C ASN A 33 -11.37 -2.62 -11.43
N HIS A 34 -12.14 -2.23 -10.44
CA HIS A 34 -13.29 -2.97 -10.02
C HIS A 34 -14.44 -2.07 -9.61
N PRO A 35 -15.28 -1.72 -10.65
CA PRO A 35 -16.40 -0.82 -10.32
C PRO A 35 -17.49 -1.42 -9.44
N PRO A 36 -18.25 -0.57 -8.78
CA PRO A 36 -18.07 0.86 -8.85
C PRO A 36 -17.08 1.48 -7.88
N ALA A 37 -16.78 0.80 -6.80
CA ALA A 37 -15.93 1.32 -5.74
C ALA A 37 -14.49 0.86 -5.58
N ASN A 38 -13.91 0.22 -6.58
CA ASN A 38 -12.52 -0.26 -6.56
C ASN A 38 -12.25 -1.14 -5.34
N THR A 39 -13.27 -1.88 -4.99
CA THR A 39 -13.26 -2.76 -3.88
C THR A 39 -12.31 -3.98 -4.05
N TRP A 40 -11.81 -4.51 -2.95
CA TRP A 40 -10.92 -5.68 -3.01
C TRP A 40 -11.68 -6.97 -2.79
N ASP A 41 -11.43 -7.92 -3.67
CA ASP A 41 -12.04 -9.23 -3.53
C ASP A 41 -10.96 -10.31 -3.54
N ARG A 42 -11.39 -11.58 -3.52
CA ARG A 42 -10.46 -12.72 -3.55
C ARG A 42 -9.65 -12.80 -4.80
N ASP A 43 -10.28 -12.57 -5.92
CA ASP A 43 -9.56 -12.65 -7.15
C ASP A 43 -8.46 -11.59 -7.24
N SER A 44 -8.76 -10.40 -6.79
CA SER A 44 -7.79 -9.31 -6.86
C SER A 44 -6.73 -9.44 -5.78
N LEU A 45 -7.08 -9.97 -4.61
CA LEU A 45 -6.07 -10.16 -3.57
C LEU A 45 -5.08 -11.25 -3.95
N ILE A 46 -5.53 -12.30 -4.63
CA ILE A 46 -4.64 -13.30 -5.11
C ILE A 46 -3.76 -12.71 -6.20
N GLY A 47 -4.34 -12.00 -7.14
CA GLY A 47 -3.56 -11.41 -8.22
C GLY A 47 -2.55 -10.39 -7.73
N LEU A 48 -2.87 -9.67 -6.66
CA LEU A 48 -1.93 -8.70 -6.14
C LEU A 48 -0.65 -9.33 -5.61
N ARG A 49 -0.79 -10.41 -4.85
CA ARG A 49 0.34 -11.12 -4.30
C ARG A 49 1.20 -11.68 -5.39
N GLN A 50 0.58 -12.31 -6.35
CA GLN A 50 1.30 -12.86 -7.47
C GLN A 50 1.99 -11.81 -8.27
N LEU A 51 1.32 -10.69 -8.47
CA LEU A 51 1.89 -9.60 -9.21
C LEU A 51 3.12 -9.03 -8.52
N ILE A 52 3.06 -8.83 -7.23
CA ILE A 52 4.23 -8.34 -6.50
C ILE A 52 5.38 -9.34 -6.57
N GLU A 53 5.06 -10.63 -6.61
CA GLU A 53 6.11 -11.64 -6.69
C GLU A 53 6.87 -11.55 -8.00
N HIS A 54 6.15 -11.29 -9.09
CA HIS A 54 6.80 -11.15 -10.39
C HIS A 54 7.53 -9.82 -10.53
N LEU A 55 6.99 -8.75 -9.93
CA LEU A 55 7.69 -7.48 -10.00
C LEU A 55 9.00 -7.53 -9.22
N ASN A 56 9.05 -8.31 -8.14
CA ASN A 56 10.29 -8.52 -7.42
C ASN A 56 11.30 -9.35 -8.22
N ARG A 57 10.84 -10.09 -9.22
CA ARG A 57 11.74 -10.83 -10.10
C ARG A 57 12.00 -10.12 -11.41
N ASP A 58 11.39 -8.95 -11.62
CA ASP A 58 11.64 -8.12 -12.80
C ASP A 58 12.66 -7.06 -12.40
N ASP A 59 13.88 -7.19 -12.92
CA ASP A 59 14.94 -6.23 -12.62
C ASP A 59 14.81 -4.95 -13.41
N ASP A 60 13.80 -4.82 -14.26
CA ASP A 60 13.51 -3.59 -14.97
C ASP A 60 12.60 -2.66 -14.18
N ILE A 61 12.20 -3.05 -12.98
CA ILE A 61 11.20 -2.34 -12.19
C ILE A 61 11.87 -1.86 -10.92
N TYR A 62 11.94 -0.54 -10.74
CA TYR A 62 12.51 0.03 -9.53
C TYR A 62 11.46 0.64 -8.60
N ALA A 63 10.23 0.81 -9.06
CA ALA A 63 9.23 1.53 -8.29
C ALA A 63 7.85 1.01 -8.65
N LEU A 64 6.86 1.51 -7.93
CA LEU A 64 5.52 0.97 -8.05
C LEU A 64 4.53 2.02 -7.58
N VAL A 65 3.46 2.20 -8.34
CA VAL A 65 2.38 3.11 -8.00
C VAL A 65 1.08 2.32 -8.09
N VAL A 66 0.26 2.39 -7.06
CA VAL A 66 -1.10 1.86 -7.14
C VAL A 66 -2.08 2.99 -6.89
N THR A 67 -3.20 2.93 -7.60
CA THR A 67 -4.22 3.96 -7.54
C THR A 67 -5.51 3.33 -8.01
N GLY A 68 -6.61 4.02 -7.76
CA GLY A 68 -7.92 3.52 -8.13
C GLY A 68 -8.35 4.04 -9.49
N GLN A 69 -8.92 3.15 -10.29
CA GLN A 69 -9.51 3.55 -11.56
C GLN A 69 -10.69 4.48 -11.30
N GLY A 70 -10.78 5.55 -12.10
CA GLY A 70 -11.84 6.51 -11.94
C GLY A 70 -11.44 7.62 -11.00
N PRO A 71 -12.28 8.65 -10.90
CA PRO A 71 -11.92 9.82 -10.09
C PRO A 71 -12.49 9.80 -8.68
N LYS A 72 -13.40 8.87 -8.41
CA LYS A 72 -14.16 8.88 -7.16
C LYS A 72 -13.55 8.00 -6.07
N PHE A 73 -13.08 6.80 -6.41
CA PHE A 73 -12.65 5.84 -5.40
C PHE A 73 -11.20 5.43 -5.62
N PHE A 74 -10.40 5.49 -4.55
CA PHE A 74 -9.15 4.76 -4.51
C PHE A 74 -9.43 3.29 -4.24
N SER A 75 -9.99 2.99 -3.06
CA SER A 75 -10.55 1.68 -2.79
C SER A 75 -11.49 1.79 -1.58
N ALA A 76 -12.68 1.20 -1.72
CA ALA A 76 -13.66 1.19 -0.65
C ALA A 76 -13.47 0.02 0.31
N GLY A 77 -12.32 -0.66 0.23
CA GLY A 77 -12.03 -1.72 1.17
C GLY A 77 -12.41 -3.10 0.69
N ALA A 78 -12.94 -3.92 1.59
CA ALA A 78 -13.23 -5.30 1.26
C ALA A 78 -14.60 -5.42 0.61
N ASP A 79 -14.66 -6.20 -0.47
CA ASP A 79 -15.93 -6.56 -1.08
C ASP A 79 -16.88 -7.13 -0.04
N LEU A 80 -18.18 -6.95 -0.24
CA LEU A 80 -19.13 -7.61 0.64
C LEU A 80 -19.36 -9.05 0.24
N ASN A 81 -18.98 -9.37 -0.96
CA ASN A 81 -19.11 -10.70 -1.49
C ASN A 81 -18.23 -11.68 -0.77
N MET A 82 -17.27 -11.21 0.00
CA MET A 82 -16.38 -12.12 0.71
C MET A 82 -16.76 -12.35 2.20
N PHE A 83 -16.89 -11.30 3.01
CA PHE A 83 -17.28 -11.53 4.40
C PHE A 83 -18.78 -11.57 4.29
N ALA A 84 -19.20 -12.52 3.47
CA ALA A 84 -20.58 -12.83 3.20
C ALA A 84 -21.30 -13.51 4.38
N ASP A 85 -22.56 -13.21 4.57
CA ASP A 85 -23.27 -13.87 5.64
C ASP A 85 -22.49 -13.70 6.97
N GLY A 86 -22.15 -14.75 7.72
CA GLY A 86 -22.33 -16.14 7.35
C GLY A 86 -21.13 -17.06 7.51
N ASP A 87 -20.58 -17.60 6.42
CA ASP A 87 -19.52 -18.58 6.54
C ASP A 87 -18.33 -18.11 7.34
N LYS A 88 -18.07 -18.83 8.42
CA LYS A 88 -16.94 -18.61 9.31
C LYS A 88 -15.67 -18.93 8.58
N ALA A 89 -15.75 -19.93 7.72
CA ALA A 89 -14.60 -20.37 6.94
C ALA A 89 -14.20 -19.32 5.92
N ARG A 90 -15.18 -18.67 5.27
CA ARG A 90 -14.87 -17.59 4.34
C ARG A 90 -14.09 -16.48 5.01
N ALA A 91 -14.54 -16.06 6.19
CA ALA A 91 -13.93 -14.91 6.85
C ALA A 91 -12.46 -15.14 7.10
N ARG A 92 -12.13 -16.32 7.59
CA ARG A 92 -10.76 -16.64 7.89
C ARG A 92 -9.86 -16.64 6.67
N GLU A 93 -10.33 -17.21 5.59
CA GLU A 93 -9.57 -17.24 4.37
C GLU A 93 -9.38 -15.84 3.83
N MET A 94 -10.38 -15.02 4.02
CA MET A 94 -10.30 -13.66 3.52
C MET A 94 -9.32 -12.83 4.33
N ALA A 95 -9.33 -12.95 5.65
CA ALA A 95 -8.32 -12.28 6.45
C ALA A 95 -6.93 -12.74 6.05
N ARG A 96 -6.80 -14.00 5.66
CA ARG A 96 -5.51 -14.52 5.22
C ARG A 96 -5.07 -13.87 3.92
N ARG A 97 -5.97 -13.80 2.95
CA ARG A 97 -5.64 -13.22 1.67
C ARG A 97 -5.24 -11.75 1.79
N PHE A 98 -5.92 -10.99 2.63
CA PHE A 98 -5.54 -9.60 2.86
C PHE A 98 -4.10 -9.50 3.37
N GLY A 99 -3.80 -10.26 4.43
CA GLY A 99 -2.44 -10.24 4.95
C GLY A 99 -1.42 -10.60 3.90
N GLU A 100 -1.64 -11.71 3.20
CA GLU A 100 -0.65 -12.17 2.21
C GLU A 100 -0.48 -11.15 1.09
N ALA A 101 -1.58 -10.56 0.62
CA ALA A 101 -1.48 -9.61 -0.47
C ALA A 101 -0.79 -8.32 -0.04
N PHE A 102 -1.14 -7.79 1.13
CA PHE A 102 -0.62 -6.50 1.53
C PHE A 102 0.76 -6.61 2.17
N GLU A 103 1.04 -7.75 2.82
CA GLU A 103 2.40 -7.95 3.31
C GLU A 103 3.37 -8.10 2.13
N ALA A 104 2.92 -8.73 1.05
CA ALA A 104 3.76 -8.82 -0.15
C ALA A 104 4.01 -7.44 -0.75
N LEU A 105 2.95 -6.64 -0.92
CA LEU A 105 3.10 -5.27 -1.40
C LEU A 105 3.98 -4.46 -0.46
N ARG A 106 3.90 -4.71 0.82
CA ARG A 106 4.75 -4.10 1.80
C ARG A 106 6.18 -4.51 1.64
N ASP A 107 6.38 -5.75 1.27
CA ASP A 107 7.73 -6.28 1.08
C ASP A 107 8.23 -6.14 -0.36
N PHE A 108 7.66 -5.21 -1.13
CA PHE A 108 8.10 -4.94 -2.52
C PHE A 108 9.54 -4.50 -2.44
N ARG A 109 10.39 -4.96 -3.34
CA ARG A 109 11.82 -4.72 -3.16
C ARG A 109 12.20 -3.30 -3.58
N GLY A 110 11.42 -2.67 -4.45
CA GLY A 110 11.57 -1.26 -4.74
C GLY A 110 10.67 -0.42 -3.87
N VAL A 111 10.48 0.83 -4.28
CA VAL A 111 9.63 1.76 -3.55
C VAL A 111 8.23 1.74 -4.16
N SER A 112 7.22 1.78 -3.29
CA SER A 112 5.82 1.76 -3.69
C SER A 112 5.16 3.04 -3.23
N ILE A 113 4.38 3.65 -4.12
CA ILE A 113 3.74 4.94 -3.85
C ILE A 113 2.24 4.80 -4.05
N ALA A 114 1.48 5.09 -3.01
CA ALA A 114 0.03 5.11 -3.09
C ALA A 114 -0.44 6.48 -3.57
N ALA A 115 -1.13 6.51 -4.70
CA ALA A 115 -1.69 7.75 -5.27
C ALA A 115 -3.17 7.78 -4.93
N ILE A 116 -3.51 8.35 -3.78
CA ILE A 116 -4.88 8.28 -3.30
C ILE A 116 -5.71 9.30 -4.06
N ASN A 117 -6.55 8.81 -4.99
CA ASN A 117 -7.35 9.63 -5.88
C ASN A 117 -8.80 9.73 -5.45
N GLY A 118 -9.10 9.40 -4.20
CA GLY A 118 -10.49 9.43 -3.74
C GLY A 118 -10.62 8.75 -2.40
N TYR A 119 -11.81 8.18 -2.18
CA TYR A 119 -12.05 7.44 -0.94
C TYR A 119 -11.10 6.26 -0.83
N ALA A 120 -10.47 6.13 0.33
CA ALA A 120 -9.64 4.98 0.69
C ALA A 120 -10.09 4.56 2.08
N MET A 121 -11.02 3.66 2.13
CA MET A 121 -11.59 3.26 3.37
C MET A 121 -11.51 1.78 3.71
N GLY A 122 -11.22 1.49 4.96
CA GLY A 122 -11.08 0.11 5.37
C GLY A 122 -9.91 -0.55 4.69
N GLY A 123 -10.17 -1.59 3.88
CA GLY A 123 -9.09 -2.29 3.21
C GLY A 123 -8.37 -1.44 2.18
N GLY A 124 -9.08 -0.48 1.60
CA GLY A 124 -8.42 0.44 0.69
C GLY A 124 -7.38 1.29 1.40
N LEU A 125 -7.70 1.71 2.62
CA LEU A 125 -6.72 2.46 3.39
C LEU A 125 -5.57 1.57 3.83
N GLU A 126 -5.88 0.33 4.24
CA GLU A 126 -4.83 -0.61 4.61
C GLU A 126 -3.91 -0.90 3.43
N CYS A 127 -4.47 -0.96 2.22
CA CYS A 127 -3.62 -1.10 1.04
C CYS A 127 -2.64 0.06 0.91
N ALA A 128 -3.10 1.30 1.18
CA ALA A 128 -2.21 2.45 1.07
C ALA A 128 -1.22 2.51 2.22
N LEU A 129 -1.64 2.08 3.42
CA LEU A 129 -0.69 1.91 4.51
C LEU A 129 0.38 0.87 4.17
N ALA A 130 0.05 -0.10 3.33
CA ALA A 130 1.03 -1.11 2.91
C ALA A 130 2.10 -0.51 2.01
N CYS A 131 1.79 0.55 1.28
CA CYS A 131 2.76 1.18 0.40
C CYS A 131 3.77 1.98 1.22
N ASP A 132 4.87 2.32 0.56
CA ASP A 132 5.91 3.09 1.23
C ASP A 132 5.49 4.54 1.43
N ILE A 133 4.98 5.18 0.39
CA ILE A 133 4.64 6.60 0.43
C ILE A 133 3.21 6.78 -0.06
N ARG A 134 2.52 7.76 0.52
CA ARG A 134 1.14 8.07 0.16
C ARG A 134 1.06 9.51 -0.35
N ILE A 135 0.39 9.68 -1.49
CA ILE A 135 0.10 10.98 -2.07
C ILE A 135 -1.40 11.07 -2.26
N ALA A 136 -2.04 12.02 -1.58
CA ALA A 136 -3.49 12.12 -1.54
C ALA A 136 -3.96 13.39 -2.25
N GLU A 137 -5.10 13.30 -2.91
CA GLU A 137 -5.78 14.39 -3.54
C GLU A 137 -6.54 15.12 -2.43
N ARG A 138 -6.78 16.41 -2.61
CA ARG A 138 -7.39 17.26 -1.62
C ARG A 138 -8.73 16.79 -1.15
N GLN A 139 -9.55 16.30 -2.03
CA GLN A 139 -10.84 15.80 -1.65
C GLN A 139 -10.89 14.37 -1.07
N ALA A 140 -9.78 13.65 -1.08
CA ALA A 140 -9.77 12.26 -0.63
C ALA A 140 -10.10 12.14 0.85
N GLN A 141 -10.89 11.12 1.19
CA GLN A 141 -11.27 10.83 2.56
C GLN A 141 -10.89 9.40 2.92
N MET A 142 -10.33 9.23 4.10
CA MET A 142 -9.78 7.95 4.52
C MET A 142 -10.30 7.61 5.91
N ALA A 143 -10.58 6.33 6.14
CA ALA A 143 -11.02 5.88 7.45
C ALA A 143 -10.87 4.37 7.56
N LEU A 144 -11.05 3.88 8.79
CA LEU A 144 -11.10 2.45 9.10
C LEU A 144 -12.36 2.24 9.92
N PRO A 145 -13.49 1.99 9.27
CA PRO A 145 -14.78 1.99 9.98
C PRO A 145 -15.26 0.60 10.36
N GLU A 146 -14.35 -0.36 10.47
CA GLU A 146 -14.71 -1.74 10.75
C GLU A 146 -15.41 -1.96 12.08
N ALA A 147 -14.99 -1.28 13.11
CA ALA A 147 -15.62 -1.38 14.41
C ALA A 147 -17.10 -0.99 14.37
N ALA A 148 -17.53 -0.26 13.34
CA ALA A 148 -18.93 0.15 13.25
C ALA A 148 -19.84 -1.04 12.95
N VAL A 149 -19.30 -2.07 12.30
CA VAL A 149 -20.04 -3.29 12.01
C VAL A 149 -19.55 -4.44 12.89
N GLY A 150 -18.87 -4.15 13.99
CA GLY A 150 -18.41 -5.18 14.89
C GLY A 150 -17.21 -5.96 14.40
N LEU A 151 -16.42 -5.40 13.50
CA LEU A 151 -15.24 -6.09 12.98
C LEU A 151 -14.00 -5.26 13.28
N LEU A 152 -12.92 -5.46 12.53
CA LEU A 152 -11.68 -4.75 12.80
C LEU A 152 -10.87 -4.71 11.52
N PRO A 153 -9.89 -3.79 11.41
CA PRO A 153 -8.99 -3.80 10.25
C PRO A 153 -8.03 -4.99 10.30
N CYS A 154 -8.31 -6.03 9.53
CA CYS A 154 -7.56 -7.28 9.61
C CYS A 154 -6.39 -7.34 8.63
N ALA A 155 -6.20 -6.32 7.80
CA ALA A 155 -5.08 -6.29 6.86
C ALA A 155 -3.93 -5.43 7.36
N GLY A 156 -3.72 -5.38 8.67
CA GLY A 156 -2.62 -4.64 9.23
C GLY A 156 -2.97 -3.27 9.76
N GLY A 157 -4.25 -2.88 9.68
CA GLY A 157 -4.63 -1.52 10.05
C GLY A 157 -4.40 -1.23 11.51
N THR A 158 -4.61 -2.22 12.39
CA THR A 158 -4.44 -2.00 13.81
C THR A 158 -3.00 -1.75 14.19
N GLN A 159 -2.05 -2.10 13.33
CA GLN A 159 -0.64 -1.87 13.57
C GLN A 159 -0.07 -0.77 12.71
N ALA A 160 -0.46 -0.71 11.44
CA ALA A 160 0.11 0.27 10.52
C ALA A 160 -0.36 1.68 10.86
N LEU A 161 -1.66 1.86 11.14
CA LEU A 161 -2.17 3.22 11.36
C LEU A 161 -1.52 3.91 12.54
N PRO A 162 -1.50 3.35 13.76
CA PRO A 162 -0.78 4.04 14.85
C PRO A 162 0.71 4.16 14.59
N TRP A 163 1.26 3.30 13.75
CA TRP A 163 2.68 3.36 13.44
C TRP A 163 3.05 4.70 12.81
N LEU A 164 2.24 5.22 11.90
CA LEU A 164 2.46 6.51 11.29
C LEU A 164 1.89 7.70 12.03
N VAL A 165 0.62 7.65 12.40
CA VAL A 165 -0.06 8.76 13.00
C VAL A 165 -0.13 8.89 14.46
N GLY A 166 0.32 7.89 15.18
CA GLY A 166 0.29 7.89 16.63
C GLY A 166 -0.99 7.26 17.17
N GLU A 167 -0.92 6.89 18.45
CA GLU A 167 -2.04 6.15 19.03
C GLU A 167 -3.28 7.01 19.13
N GLY A 168 -3.13 8.27 19.53
CA GLY A 168 -4.29 9.15 19.67
C GLY A 168 -5.13 9.23 18.42
N TRP A 169 -4.49 9.55 17.30
CA TRP A 169 -5.26 9.70 16.07
C TRP A 169 -5.70 8.35 15.53
N ALA A 170 -4.91 7.31 15.77
CA ALA A 170 -5.26 5.99 15.27
C ALA A 170 -6.54 5.47 15.89
N LYS A 171 -6.73 5.69 17.19
CA LYS A 171 -7.98 5.25 17.80
C LYS A 171 -9.08 6.28 17.65
N ARG A 172 -8.74 7.48 17.22
CA ARG A 172 -9.74 8.44 16.87
C ARG A 172 -10.40 7.90 15.61
N MET A 173 -9.62 7.34 14.71
CA MET A 173 -10.16 6.83 13.44
C MET A 173 -10.84 5.48 13.62
N ILE A 174 -10.23 4.57 14.37
CA ILE A 174 -10.74 3.19 14.46
C ILE A 174 -11.79 3.06 15.55
N LEU A 175 -11.47 3.55 16.75
CA LEU A 175 -12.35 3.34 17.90
C LEU A 175 -13.51 4.32 17.89
N CYS A 176 -13.32 5.50 17.31
CA CYS A 176 -14.37 6.50 17.25
C CYS A 176 -15.03 6.59 15.88
N ASN A 177 -14.52 5.87 14.88
CA ASN A 177 -15.06 5.83 13.53
C ASN A 177 -15.02 7.20 12.83
N GLU A 178 -14.11 8.07 13.23
CA GLU A 178 -14.00 9.38 12.59
C GLU A 178 -13.11 9.29 11.36
N ARG A 179 -13.60 9.78 10.24
CA ARG A 179 -12.80 9.81 9.03
C ARG A 179 -11.99 11.10 8.96
N VAL A 180 -10.95 11.08 8.12
CA VAL A 180 -10.07 12.24 7.94
C VAL A 180 -9.96 12.54 6.45
N ASP A 181 -9.75 13.82 6.14
CA ASP A 181 -9.50 14.27 4.78
C ASP A 181 -8.00 14.44 4.56
N ALA A 182 -7.62 14.71 3.30
CA ALA A 182 -6.21 14.74 2.94
C ALA A 182 -5.42 15.76 3.75
N GLU A 183 -6.03 16.90 4.06
CA GLU A 183 -5.29 17.93 4.79
C GLU A 183 -5.09 17.55 6.25
N THR A 184 -6.09 16.90 6.85
CA THR A 184 -5.89 16.36 8.19
C THR A 184 -4.89 15.21 8.18
N ALA A 185 -4.96 14.35 7.15
CA ALA A 185 -4.02 13.25 7.03
C ALA A 185 -2.58 13.76 6.95
N LEU A 186 -2.36 14.85 6.22
CA LEU A 186 -1.03 15.43 6.13
C LEU A 186 -0.57 15.95 7.49
N ARG A 187 -1.49 16.56 8.23
CA ARG A 187 -1.13 17.13 9.52
C ARG A 187 -0.68 16.07 10.51
N ILE A 188 -1.21 14.85 10.40
CA ILE A 188 -0.96 13.81 11.39
C ILE A 188 0.04 12.78 10.93
N GLY A 189 0.54 12.87 9.69
CA GLY A 189 1.50 11.93 9.18
C GLY A 189 0.94 10.77 8.40
N LEU A 190 -0.39 10.70 8.22
CA LEU A 190 -0.97 9.61 7.46
C LEU A 190 -0.56 9.66 5.99
N VAL A 191 -0.42 10.86 5.42
CA VAL A 191 0.09 11.04 4.07
C VAL A 191 1.31 11.95 4.13
N GLU A 192 2.11 11.87 3.07
CA GLU A 192 3.32 12.68 2.99
C GLU A 192 3.19 13.88 2.06
N GLN A 193 2.27 13.83 1.09
CA GLN A 193 2.11 14.93 0.15
C GLN A 193 0.63 15.05 -0.22
N VAL A 194 0.10 16.28 -0.15
CA VAL A 194 -1.25 16.58 -0.62
C VAL A 194 -1.14 17.31 -1.95
N VAL A 195 -1.99 16.96 -2.88
CA VAL A 195 -2.01 17.51 -4.23
C VAL A 195 -3.42 17.78 -4.66
N ASP A 196 -3.59 18.47 -5.76
CA ASP A 196 -4.92 18.88 -6.16
C ASP A 196 -5.64 17.73 -6.87
N SER A 197 -6.95 17.91 -7.05
CA SER A 197 -7.79 16.89 -7.67
C SER A 197 -7.26 16.48 -9.02
N GLY A 198 -7.09 15.17 -9.21
CA GLY A 198 -6.59 14.64 -10.46
C GLY A 198 -5.10 14.68 -10.62
N GLU A 199 -4.37 15.00 -9.56
CA GLU A 199 -2.91 15.11 -9.62
C GLU A 199 -2.17 14.00 -8.87
N ALA A 200 -2.85 13.09 -8.20
CA ALA A 200 -2.10 12.05 -7.51
C ALA A 200 -1.33 11.07 -8.36
N ARG A 201 -1.96 10.54 -9.37
CA ARG A 201 -1.35 9.56 -10.21
C ARG A 201 -0.13 10.15 -10.83
N GLY A 202 -0.31 11.35 -11.32
CA GLY A 202 0.76 12.06 -11.95
C GLY A 202 1.87 12.39 -11.03
N ALA A 203 1.52 12.83 -9.85
CA ALA A 203 2.50 13.14 -8.86
C ALA A 203 3.25 11.89 -8.48
N ALA A 204 2.54 10.79 -8.33
CA ALA A 204 3.15 9.53 -7.91
C ALA A 204 4.12 9.01 -8.96
N LEU A 205 3.70 9.02 -10.23
CA LEU A 205 4.60 8.57 -11.30
C LEU A 205 5.85 9.43 -11.39
N LEU A 206 5.76 10.71 -11.02
CA LEU A 206 6.95 11.55 -11.09
C LEU A 206 7.85 11.35 -9.89
N LEU A 207 7.30 11.07 -8.72
CA LEU A 207 8.11 10.66 -7.59
C LEU A 207 8.73 9.29 -7.84
N ALA A 208 8.00 8.40 -8.52
CA ALA A 208 8.56 7.11 -8.87
C ALA A 208 9.66 7.22 -9.91
N ALA A 209 9.77 8.35 -10.60
CA ALA A 209 10.86 8.53 -11.54
C ALA A 209 12.14 8.98 -10.85
N LYS A 210 12.02 9.71 -9.74
CA LYS A 210 13.21 10.09 -8.99
C LYS A 210 13.90 8.85 -8.43
N VAL A 211 13.14 7.79 -8.16
CA VAL A 211 13.71 6.57 -7.59
C VAL A 211 14.58 5.86 -8.61
N ALA A 212 14.16 5.84 -9.87
CA ALA A 212 14.93 5.20 -10.92
C ALA A 212 16.29 5.85 -11.15
N ARG A 213 16.58 6.96 -10.48
CA ARG A 213 17.88 7.60 -10.60
C ARG A 213 18.86 7.15 -9.52
N GLN A 214 18.38 6.42 -8.54
CA GLN A 214 19.20 5.85 -7.48
C GLN A 214 19.58 4.42 -7.76
N SER A 215 20.66 3.98 -7.14
CA SER A 215 21.07 2.60 -7.31
C SER A 215 19.95 1.66 -6.88
N PRO A 216 19.44 0.80 -7.76
CA PRO A 216 18.40 -0.15 -7.34
C PRO A 216 18.87 -1.09 -6.25
N VAL A 217 20.10 -1.59 -6.35
CA VAL A 217 20.58 -2.52 -5.34
C VAL A 217 20.71 -1.82 -3.99
N ALA A 218 20.89 -0.50 -3.99
CA ALA A 218 20.89 0.23 -2.73
C ALA A 218 19.48 0.37 -2.18
N ILE A 219 18.51 0.60 -3.05
CA ILE A 219 17.12 0.69 -2.59
C ILE A 219 16.68 -0.62 -1.96
N ARG A 220 16.99 -1.73 -2.63
CA ARG A 220 16.54 -3.04 -2.14
C ARG A 220 17.16 -3.38 -0.79
N THR A 221 18.40 -3.03 -0.59
CA THR A 221 19.06 -3.23 0.69
C THR A 221 18.63 -2.29 1.81
N ILE A 222 18.44 -1.02 1.47
CA ILE A 222 18.07 -0.02 2.44
C ILE A 222 16.66 -0.14 3.00
N LYS A 223 15.71 -0.43 2.14
CA LYS A 223 14.33 -0.45 2.55
C LYS A 223 14.02 -1.38 3.68
N PRO A 224 14.54 -2.61 3.68
CA PRO A 224 14.27 -3.45 4.86
C PRO A 224 14.85 -2.85 6.13
N LEU A 225 15.98 -2.18 6.02
CA LEU A 225 16.59 -1.53 7.15
C LEU A 225 15.70 -0.42 7.72
N ILE A 226 15.06 0.34 6.86
CA ILE A 226 14.18 1.40 7.31
C ILE A 226 12.98 0.81 8.06
N GLN A 227 12.42 -0.27 7.55
CA GLN A 227 11.31 -0.94 8.23
C GLN A 227 11.75 -1.81 9.40
N GLY A 228 13.01 -1.73 9.83
CA GLY A 228 13.50 -2.61 10.87
C GLY A 228 12.75 -2.48 12.18
N ALA A 229 12.30 -1.27 12.53
CA ALA A 229 11.61 -1.10 13.80
C ALA A 229 10.27 -1.82 13.83
N ARG A 230 9.75 -2.23 12.68
CA ARG A 230 8.48 -2.93 12.67
C ARG A 230 8.58 -4.33 13.26
N GLU A 231 9.78 -4.91 13.26
CA GLU A 231 9.97 -6.22 13.86
C GLU A 231 10.87 -6.21 15.06
N ARG A 232 11.70 -5.19 15.23
CA ARG A 232 12.68 -5.19 16.29
C ARG A 232 13.18 -3.77 16.50
N ALA A 233 13.50 -3.45 17.75
CA ALA A 233 13.89 -2.10 18.12
C ALA A 233 15.03 -1.60 17.24
N PRO A 234 15.11 -0.28 17.02
CA PRO A 234 16.08 0.23 16.03
C PRO A 234 17.53 -0.03 16.40
N ASN A 235 17.88 0.02 17.69
CA ASN A 235 19.28 -0.14 18.06
C ASN A 235 19.81 -1.53 17.72
N THR A 236 18.92 -2.53 17.65
CA THR A 236 19.35 -3.88 17.34
C THR A 236 19.79 -4.04 15.89
N TRP A 237 19.54 -3.06 15.03
CA TRP A 237 19.89 -3.15 13.62
C TRP A 237 21.16 -2.42 13.26
N LEU A 238 21.71 -1.63 14.17
CA LEU A 238 22.86 -0.81 13.84
C LEU A 238 24.06 -1.61 13.36
N PRO A 239 24.44 -2.73 13.99
CA PRO A 239 25.55 -3.51 13.41
C PRO A 239 25.20 -4.07 12.04
N GLU A 240 23.96 -4.45 11.84
CA GLU A 240 23.55 -4.89 10.54
C GLU A 240 23.61 -3.79 9.50
N GLU A 241 23.43 -2.55 9.92
CA GLU A 241 23.47 -1.41 9.02
C GLU A 241 24.85 -1.27 8.39
N ARG A 242 25.90 -1.27 9.22
CA ARG A 242 27.26 -1.21 8.72
C ARG A 242 27.59 -2.41 7.83
N GLU A 243 27.11 -3.59 8.20
CA GLU A 243 27.43 -4.79 7.44
C GLU A 243 26.87 -4.69 6.02
N ARG A 244 25.61 -4.29 5.89
CA ARG A 244 25.05 -4.08 4.57
C ARG A 244 25.66 -2.86 3.88
N PHE A 245 26.19 -1.91 4.64
CA PHE A 245 26.93 -0.82 4.01
C PHE A 245 28.18 -1.33 3.32
N VAL A 246 28.92 -2.25 3.96
CA VAL A 246 30.11 -2.81 3.32
C VAL A 246 29.70 -3.72 2.17
N ASP A 247 28.60 -4.45 2.32
CA ASP A 247 28.09 -5.23 1.19
C ASP A 247 27.80 -4.34 -0.01
N LEU A 248 27.28 -3.14 0.24
CA LEU A 248 27.07 -2.19 -0.85
C LEU A 248 28.38 -1.60 -1.35
N PHE A 249 29.36 -1.40 -0.47
CA PHE A 249 30.66 -0.92 -0.93
C PHE A 249 31.34 -1.94 -1.84
N ASP A 250 31.27 -3.21 -1.48
CA ASP A 250 31.62 -4.25 -2.42
C ASP A 250 30.69 -4.17 -3.61
N ALA A 251 31.16 -4.62 -4.77
CA ALA A 251 30.47 -4.42 -6.04
C ALA A 251 30.23 -2.93 -6.29
N GLN A 252 31.29 -2.17 -6.04
CA GLN A 252 31.28 -0.74 -6.23
C GLN A 252 30.08 -0.06 -5.63
C1 MRD B . -10.70 -3.03 6.95
C2 MRD B . -10.78 -4.47 6.56
O2 MRD B . -9.49 -5.07 6.81
CM MRD B . -10.99 -4.49 5.05
C3 MRD B . -11.83 -5.22 7.38
C4 MRD B . -12.92 -6.12 6.75
O4 MRD B . -13.52 -5.65 5.56
C5 MRD B . -14.10 -6.26 7.71
C ACT C . 0.91 16.32 -12.33
O ACT C . 0.57 16.27 -11.14
OXT ACT C . 2.03 16.75 -12.66
CH3 ACT C . -0.01 15.67 -13.34
#